data_4TYO
#
_entry.id   4TYO
#
_cell.length_a   117.559
_cell.length_b   36.525
_cell.length_c   51.251
_cell.angle_alpha   90.000
_cell.angle_beta   100.820
_cell.angle_gamma   90.000
#
_symmetry.space_group_name_H-M   'C 1 2 1'
#
loop_
_entity.id
_entity.type
_entity.pdbx_description
1 polymer 'Peptidyl-prolyl cis-trans isomerase NIMA-interacting 1'
2 non-polymer 3-(6-fluoro-1H-benzimidazol-2-yl)-N-(naphthalen-2-ylcarbonyl)-D-alanine
3 non-polymer GLYCEROL
4 water water
#
_entity_poly.entity_id   1
_entity_poly.type   'polypeptide(L)'
_entity_poly.pdbx_seq_one_letter_code
;GSHMGKNGQGEPARVRCSHLLVKHSQSRRPSSWRQEQITRTQEEALELINGYIQKIKSGEEDFESLASQFSDCSSAKARG
DLGAFSRGQMQKPFEDASFALRTGEMSGPVFTDSGIHIILRTE
;
_entity_poly.pdbx_strand_id   A,B
#
loop_
_chem_comp.id
_chem_comp.type
_chem_comp.name
_chem_comp.formula
39X non-polymer 3-(6-fluoro-1H-benzimidazol-2-yl)-N-(naphthalen-2-ylcarbonyl)-D-alanine 'C21 H16 F N3 O3'
GOL non-polymer GLYCEROL 'C3 H8 O3'
#
# COMPACT_ATOMS: atom_id res chain seq x y z
N GLU A 11 -1.61 -8.94 1.29
CA GLU A 11 -0.54 -8.26 0.56
C GLU A 11 0.80 -8.96 0.83
N PRO A 12 1.59 -9.28 -0.22
CA PRO A 12 2.88 -9.91 0.05
C PRO A 12 3.89 -8.89 0.59
N ALA A 13 4.99 -9.38 1.15
CA ALA A 13 6.06 -8.50 1.65
C ALA A 13 6.68 -7.70 0.49
N ARG A 14 6.77 -8.36 -0.67
CA ARG A 14 7.38 -7.78 -1.86
C ARG A 14 6.63 -8.21 -3.08
N VAL A 15 6.73 -7.41 -4.14
CA VAL A 15 6.17 -7.76 -5.44
C VAL A 15 7.31 -7.68 -6.43
N ARG A 16 7.18 -8.39 -7.53
CA ARG A 16 8.15 -8.29 -8.61
C ARG A 16 7.37 -7.66 -9.76
N CYS A 17 7.91 -6.59 -10.36
CA CYS A 17 7.27 -5.95 -11.49
C CYS A 17 8.27 -5.66 -12.61
N SER A 18 7.73 -5.49 -13.83
CA SER A 18 8.40 -4.95 -14.99
C SER A 18 7.68 -3.62 -15.28
N HIS A 19 8.38 -2.70 -15.93
CA HIS A 19 7.77 -1.41 -16.28
C HIS A 19 8.32 -0.88 -17.59
N LEU A 20 7.61 0.07 -18.14
CA LEU A 20 8.04 0.78 -19.33
C LEU A 20 7.87 2.23 -18.91
N LEU A 21 8.98 2.95 -18.91
CA LEU A 21 9.01 4.36 -18.53
C LEU A 21 9.13 5.25 -19.76
N VAL A 22 8.29 6.31 -19.85
CA VAL A 22 8.47 7.30 -20.90
C VAL A 22 8.78 8.62 -20.17
N LYS A 23 10.02 9.11 -20.32
CA LYS A 23 10.44 10.36 -19.68
C LYS A 23 9.95 11.53 -20.52
N HIS A 24 10.02 12.74 -19.94
CA HIS A 24 9.69 13.93 -20.68
C HIS A 24 10.69 15.01 -20.26
N SER A 25 10.67 16.15 -20.93
CA SER A 25 11.61 17.26 -20.69
C SER A 25 11.54 17.82 -19.23
N GLN A 26 10.48 17.49 -18.46
CA GLN A 26 10.34 17.98 -17.08
C GLN A 26 10.57 16.86 -16.05
N SER A 27 11.08 15.70 -16.52
CA SER A 27 11.41 14.53 -15.70
C SER A 27 12.59 14.89 -14.79
N ARG A 28 12.70 14.22 -13.64
CA ARG A 28 13.80 14.48 -12.72
C ARG A 28 15.21 14.36 -13.34
N ARG A 29 15.44 13.28 -14.13
CA ARG A 29 16.69 12.97 -14.83
C ARG A 29 16.31 12.92 -16.35
N PRO A 30 16.24 14.10 -17.03
CA PRO A 30 15.78 14.09 -18.43
C PRO A 30 16.81 13.65 -19.48
N SER A 31 17.32 12.42 -19.31
CA SER A 31 18.21 11.73 -20.23
C SER A 31 18.02 10.27 -19.97
N SER A 32 18.34 9.45 -20.96
CA SER A 32 18.22 8.02 -20.78
C SER A 32 19.28 7.33 -21.60
N TRP A 33 19.37 6.02 -21.41
CA TRP A 33 20.28 5.18 -22.16
C TRP A 33 20.01 5.34 -23.65
N ARG A 34 18.73 5.64 -24.06
CA ARG A 34 18.36 5.71 -25.47
C ARG A 34 18.36 7.12 -26.05
N GLN A 35 18.46 8.14 -25.20
CA GLN A 35 18.41 9.50 -25.71
C GLN A 35 19.20 10.42 -24.77
N GLU A 36 20.24 11.10 -25.30
CA GLU A 36 21.10 12.00 -24.53
C GLU A 36 20.33 13.09 -23.81
N GLN A 37 19.30 13.63 -24.44
CA GLN A 37 18.46 14.66 -23.83
C GLN A 37 17.01 14.36 -24.16
N ILE A 38 16.19 14.20 -23.12
CA ILE A 38 14.78 13.94 -23.35
C ILE A 38 14.14 15.30 -23.77
N THR A 39 13.62 15.35 -24.99
CA THR A 39 13.04 16.59 -25.52
C THR A 39 11.53 16.61 -25.57
N ARG A 40 10.87 15.43 -25.49
CA ARG A 40 9.42 15.36 -25.63
C ARG A 40 8.68 16.02 -24.48
N THR A 41 7.48 16.52 -24.77
CA THR A 41 6.65 17.17 -23.74
C THR A 41 5.97 16.11 -22.88
N GLN A 42 5.40 16.53 -21.72
CA GLN A 42 4.61 15.64 -20.85
C GLN A 42 3.44 15.08 -21.65
N GLU A 43 2.76 15.97 -22.43
CA GLU A 43 1.62 15.56 -23.25
C GLU A 43 2.00 14.43 -24.23
N GLU A 44 3.12 14.60 -24.93
CA GLU A 44 3.66 13.59 -25.88
C GLU A 44 4.00 12.31 -25.15
N ALA A 45 4.55 12.41 -23.91
CA ALA A 45 4.89 11.19 -23.15
C ALA A 45 3.61 10.42 -22.81
N LEU A 46 2.55 11.13 -22.40
CA LEU A 46 1.29 10.47 -22.09
C LEU A 46 0.64 9.90 -23.33
N GLU A 47 0.76 10.60 -24.47
CA GLU A 47 0.27 10.08 -25.75
C GLU A 47 0.96 8.74 -26.08
N LEU A 48 2.29 8.70 -25.95
CA LEU A 48 3.08 7.47 -26.19
C LEU A 48 2.63 6.32 -25.28
N ILE A 49 2.47 6.60 -23.96
CA ILE A 49 2.04 5.61 -22.96
C ILE A 49 0.67 5.05 -23.33
N ASN A 50 -0.28 5.94 -23.67
CA ASN A 50 -1.63 5.49 -24.07
C ASN A 50 -1.60 4.67 -25.37
N GLY A 51 -0.72 5.03 -26.31
CA GLY A 51 -0.54 4.28 -27.56
C GLY A 51 -0.04 2.88 -27.28
N TYR A 52 0.91 2.74 -26.32
CA TYR A 52 1.45 1.43 -25.90
C TYR A 52 0.36 0.58 -25.24
N ILE A 53 -0.43 1.19 -24.32
CA ILE A 53 -1.53 0.48 -23.66
C ILE A 53 -2.49 -0.08 -24.72
N GLN A 54 -2.89 0.75 -25.70
CA GLN A 54 -3.82 0.28 -26.73
C GLN A 54 -3.27 -0.91 -27.56
N LYS A 55 -1.95 -0.86 -27.89
CA LYS A 55 -1.30 -1.91 -28.67
C LYS A 55 -1.15 -3.19 -27.87
N ILE A 56 -0.92 -3.05 -26.55
CA ILE A 56 -0.79 -4.22 -25.65
C ILE A 56 -2.18 -4.84 -25.48
N LYS A 57 -3.21 -3.98 -25.32
CA LYS A 57 -4.57 -4.49 -25.20
C LYS A 57 -5.07 -5.20 -26.48
N SER A 58 -4.69 -4.71 -27.67
CA SER A 58 -5.15 -5.35 -28.93
C SER A 58 -4.32 -6.60 -29.26
N GLY A 59 -3.12 -6.68 -28.68
CA GLY A 59 -2.20 -7.80 -28.89
C GLY A 59 -1.17 -7.48 -29.95
N GLU A 60 -1.24 -6.27 -30.55
CA GLU A 60 -0.32 -5.83 -31.60
C GLU A 60 1.15 -5.74 -31.09
N GLU A 61 1.35 -5.48 -29.78
CA GLU A 61 2.67 -5.38 -29.19
C GLU A 61 2.75 -6.14 -27.87
N ASP A 62 3.94 -6.63 -27.57
CA ASP A 62 4.25 -7.35 -26.35
C ASP A 62 4.82 -6.35 -25.32
N PHE A 63 4.28 -6.32 -24.07
CA PHE A 63 4.76 -5.39 -23.02
C PHE A 63 6.30 -5.38 -22.87
N GLU A 64 6.87 -6.57 -22.59
CA GLU A 64 8.32 -6.73 -22.36
C GLU A 64 9.16 -6.40 -23.60
N SER A 65 8.65 -6.72 -24.81
CA SER A 65 9.34 -6.38 -26.06
C SER A 65 9.36 -4.87 -26.25
N LEU A 66 8.22 -4.17 -26.00
CA LEU A 66 8.19 -2.69 -26.07
C LEU A 66 9.14 -2.08 -25.01
N ALA A 67 9.12 -2.61 -23.78
CA ALA A 67 9.97 -2.07 -22.70
C ALA A 67 11.46 -2.22 -23.05
N SER A 68 11.83 -3.35 -23.65
CA SER A 68 13.23 -3.63 -24.00
C SER A 68 13.83 -2.64 -25.00
N GLN A 69 13.01 -2.00 -25.82
CA GLN A 69 13.57 -1.07 -26.78
C GLN A 69 13.10 0.36 -26.60
N PHE A 70 11.96 0.60 -25.92
CA PHE A 70 11.45 1.98 -25.81
C PHE A 70 11.40 2.55 -24.39
N SER A 71 11.63 1.73 -23.36
CA SER A 71 11.65 2.30 -22.00
C SER A 71 12.87 3.20 -21.77
N ASP A 72 12.63 4.36 -21.18
CA ASP A 72 13.67 5.31 -20.76
C ASP A 72 14.36 4.93 -19.44
N CYS A 73 14.00 3.80 -18.86
CA CYS A 73 14.64 3.33 -17.64
C CYS A 73 15.74 2.35 -18.08
N SER A 74 16.87 2.32 -17.37
CA SER A 74 17.97 1.41 -17.69
C SER A 74 17.52 -0.05 -17.55
N SER A 75 16.35 -0.29 -16.89
CA SER A 75 15.81 -1.66 -16.76
C SER A 75 15.33 -2.23 -18.13
N ALA A 76 15.29 -1.40 -19.18
CA ALA A 76 14.99 -1.80 -20.56
C ALA A 76 15.91 -3.00 -20.94
N LYS A 77 17.18 -3.00 -20.47
CA LYS A 77 18.13 -4.08 -20.79
C LYS A 77 17.65 -5.43 -20.25
N ALA A 78 16.82 -5.40 -19.18
CA ALA A 78 16.22 -6.58 -18.53
C ALA A 78 14.76 -6.77 -18.93
N ARG A 79 14.41 -6.27 -20.14
CA ARG A 79 13.06 -6.35 -20.70
C ARG A 79 12.05 -5.70 -19.73
N GLY A 80 12.50 -4.68 -19.03
CA GLY A 80 11.67 -3.90 -18.12
C GLY A 80 11.68 -4.37 -16.67
N ASP A 81 12.25 -5.57 -16.39
CA ASP A 81 12.22 -6.12 -15.04
C ASP A 81 12.95 -5.29 -14.00
N LEU A 82 12.26 -4.96 -12.91
CA LEU A 82 12.85 -4.22 -11.80
C LEU A 82 13.27 -5.19 -10.67
N GLY A 83 12.84 -6.45 -10.78
CA GLY A 83 13.03 -7.47 -9.76
C GLY A 83 12.03 -7.20 -8.62
N ALA A 84 12.30 -7.76 -7.43
CA ALA A 84 11.42 -7.60 -6.26
C ALA A 84 11.72 -6.36 -5.43
N PHE A 85 10.67 -5.75 -4.88
CA PHE A 85 10.83 -4.59 -4.01
C PHE A 85 9.75 -4.59 -2.95
N SER A 86 10.09 -4.10 -1.74
CA SER A 86 9.08 -3.97 -0.70
C SER A 86 8.51 -2.56 -0.77
N ARG A 87 7.60 -2.22 0.14
CA ARG A 87 7.14 -0.82 0.23
C ARG A 87 8.29 0.01 0.84
N GLY A 88 8.26 1.32 0.63
CA GLY A 88 9.27 2.26 1.13
C GLY A 88 10.53 2.36 0.29
N GLN A 89 10.52 1.76 -0.91
CA GLN A 89 11.71 1.73 -1.78
C GLN A 89 11.57 2.59 -3.04
N MET A 90 10.52 2.30 -3.82
CA MET A 90 10.27 3.00 -5.08
C MET A 90 9.50 4.27 -4.78
N GLN A 91 9.34 5.16 -5.79
CA GLN A 91 8.52 6.37 -5.61
C GLN A 91 7.12 5.91 -5.24
N LYS A 92 6.52 6.60 -4.23
CA LYS A 92 5.21 6.22 -3.70
C LYS A 92 4.13 5.92 -4.78
N PRO A 93 3.90 6.73 -5.84
CA PRO A 93 2.82 6.40 -6.80
C PRO A 93 3.13 5.11 -7.56
N PHE A 94 4.42 4.83 -7.77
CA PHE A 94 4.84 3.62 -8.43
C PHE A 94 4.56 2.42 -7.48
N GLU A 95 4.96 2.56 -6.21
CA GLU A 95 4.70 1.54 -5.21
C GLU A 95 3.19 1.21 -5.08
N ASP A 96 2.36 2.25 -4.90
CA ASP A 96 0.92 2.04 -4.73
C ASP A 96 0.30 1.33 -5.91
N ALA A 97 0.68 1.74 -7.14
CA ALA A 97 0.17 1.12 -8.36
C ALA A 97 0.61 -0.35 -8.40
N SER A 98 1.89 -0.63 -8.12
CA SER A 98 2.46 -1.98 -8.16
C SER A 98 1.79 -2.96 -7.18
N PHE A 99 1.62 -2.55 -5.91
CA PHE A 99 1.01 -3.42 -4.88
C PHE A 99 -0.52 -3.60 -5.10
N ALA A 100 -1.16 -2.69 -5.86
CA ALA A 100 -2.59 -2.79 -6.14
C ALA A 100 -2.87 -3.78 -7.28
N LEU A 101 -1.83 -4.12 -8.11
CA LEU A 101 -2.04 -5.05 -9.22
C LEU A 101 -2.04 -6.49 -8.73
N ARG A 102 -2.75 -7.36 -9.46
CA ARG A 102 -2.72 -8.82 -9.25
C ARG A 102 -1.53 -9.29 -10.09
N THR A 103 -0.96 -10.48 -9.81
CA THR A 103 0.10 -10.96 -10.72
C THR A 103 -0.49 -11.16 -12.15
N GLY A 104 0.25 -10.74 -13.17
CA GLY A 104 -0.14 -10.84 -14.59
C GLY A 104 -0.98 -9.66 -15.05
N GLU A 105 -1.18 -8.69 -14.17
CA GLU A 105 -1.99 -7.49 -14.47
C GLU A 105 -1.12 -6.29 -14.81
N MET A 106 -1.62 -5.41 -15.71
CA MET A 106 -0.90 -4.24 -16.13
C MET A 106 -1.65 -3.02 -15.66
N SER A 107 -0.90 -2.02 -15.22
CA SER A 107 -1.50 -0.77 -14.76
C SER A 107 -1.90 0.10 -15.97
N GLY A 108 -2.62 1.18 -15.69
CA GLY A 108 -2.85 2.23 -16.65
C GLY A 108 -1.66 3.17 -16.46
N PRO A 109 -1.72 4.43 -16.93
CA PRO A 109 -0.56 5.35 -16.73
C PRO A 109 -0.29 5.64 -15.25
N VAL A 110 0.98 5.65 -14.88
CA VAL A 110 1.44 5.90 -13.51
C VAL A 110 2.45 7.06 -13.57
N PHE A 111 2.22 8.10 -12.77
CA PHE A 111 3.08 9.27 -12.76
C PHE A 111 3.99 9.30 -11.58
N THR A 112 5.29 9.50 -11.84
CA THR A 112 6.28 9.69 -10.77
C THR A 112 7.12 10.88 -11.23
N ASP A 113 8.07 11.29 -10.38
CA ASP A 113 9.00 12.37 -10.73
C ASP A 113 9.89 11.96 -11.93
N SER A 114 10.05 10.62 -12.20
CA SER A 114 10.90 10.20 -13.32
C SER A 114 10.20 10.35 -14.66
N GLY A 115 8.87 10.33 -14.64
CA GLY A 115 8.10 10.40 -15.86
C GLY A 115 6.84 9.57 -15.77
N ILE A 116 6.42 8.94 -16.91
CA ILE A 116 5.16 8.21 -16.95
C ILE A 116 5.45 6.75 -17.19
N HIS A 117 4.84 5.87 -16.40
CA HIS A 117 5.08 4.47 -16.50
C HIS A 117 3.82 3.65 -16.76
N ILE A 118 4.07 2.44 -17.29
CA ILE A 118 3.12 1.33 -17.41
CA ILE A 118 3.11 1.34 -17.38
C ILE A 118 3.79 0.21 -16.60
N ILE A 119 3.07 -0.46 -15.70
CA ILE A 119 3.67 -1.49 -14.86
C ILE A 119 2.99 -2.80 -15.09
N LEU A 120 3.77 -3.88 -15.11
CA LEU A 120 3.26 -5.24 -15.21
C LEU A 120 3.71 -6.01 -13.97
N ARG A 121 2.76 -6.47 -13.15
CA ARG A 121 3.16 -7.22 -11.95
C ARG A 121 3.41 -8.69 -12.38
N THR A 122 4.59 -9.24 -12.06
CA THR A 122 4.92 -10.62 -12.42
C THR A 122 4.88 -11.61 -11.23
N GLU A 123 5.18 -11.13 -10.00
CA GLU A 123 5.15 -11.96 -8.79
C GLU A 123 4.59 -11.15 -7.63
N GLN B 9 -23.88 -19.85 15.99
CA GLN B 9 -23.83 -21.20 15.42
C GLN B 9 -23.29 -21.18 13.95
N GLY B 10 -22.41 -22.14 13.64
CA GLY B 10 -21.77 -22.24 12.33
C GLY B 10 -20.70 -21.20 12.05
N GLU B 11 -20.30 -20.41 13.07
CA GLU B 11 -19.32 -19.36 12.81
C GLU B 11 -17.96 -19.92 12.29
N PRO B 12 -17.21 -19.10 11.51
CA PRO B 12 -15.91 -19.58 11.02
C PRO B 12 -14.99 -19.85 12.20
N ALA B 13 -14.10 -20.84 12.04
CA ALA B 13 -13.11 -21.19 13.06
C ALA B 13 -12.14 -20.03 13.23
N ARG B 14 -11.91 -19.25 12.15
CA ARG B 14 -10.99 -18.10 12.22
C ARG B 14 -11.54 -16.92 11.44
N VAL B 15 -11.18 -15.69 11.89
CA VAL B 15 -11.44 -14.44 11.19
C VAL B 15 -10.07 -13.79 10.98
N ARG B 16 -9.93 -12.96 9.94
CA ARG B 16 -8.65 -12.27 9.74
C ARG B 16 -8.96 -10.80 9.91
N CYS B 17 -8.07 -10.08 10.62
CA CYS B 17 -8.26 -8.66 10.83
C CYS B 17 -6.97 -7.89 10.66
N SER B 18 -7.12 -6.62 10.28
CA SER B 18 -6.07 -5.63 10.35
C SER B 18 -6.58 -4.67 11.43
N HIS B 19 -5.66 -4.03 12.17
CA HIS B 19 -6.12 -3.07 13.15
C HIS B 19 -5.17 -1.88 13.23
N LEU B 20 -5.65 -0.80 13.83
CA LEU B 20 -4.81 0.37 14.10
C LEU B 20 -4.97 0.56 15.62
N LEU B 21 -3.88 0.46 16.38
CA LEU B 21 -3.94 0.62 17.84
C LEU B 21 -3.34 1.96 18.27
N VAL B 22 -4.02 2.66 19.17
CA VAL B 22 -3.47 3.87 19.77
C VAL B 22 -3.38 3.53 21.27
N LYS B 23 -2.16 3.46 21.78
CA LYS B 23 -1.97 3.10 23.19
C LYS B 23 -2.11 4.35 24.06
N HIS B 24 -2.22 4.16 25.36
CA HIS B 24 -2.23 5.30 26.28
C HIS B 24 -1.39 4.92 27.50
N SER B 25 -1.15 5.87 28.42
CA SER B 25 -0.28 5.67 29.57
C SER B 25 -0.73 4.52 30.50
N GLN B 26 -2.02 4.16 30.49
CA GLN B 26 -2.58 3.10 31.35
C GLN B 26 -2.75 1.76 30.64
N SER B 27 -2.28 1.68 29.38
CA SER B 27 -2.29 0.44 28.61
C SER B 27 -1.27 -0.53 29.25
N ARG B 28 -1.46 -1.84 29.00
CA ARG B 28 -0.63 -2.87 29.58
C ARG B 28 0.88 -2.66 29.35
N ARG B 29 1.23 -2.25 28.13
CA ARG B 29 2.62 -2.05 27.75
CA ARG B 29 2.61 -2.03 27.76
C ARG B 29 2.71 -0.66 27.05
N PRO B 30 2.92 0.43 27.83
CA PRO B 30 2.90 1.77 27.25
C PRO B 30 4.21 2.18 26.56
N SER B 31 4.54 1.44 25.50
CA SER B 31 5.74 1.63 24.70
C SER B 31 5.43 1.06 23.32
N SER B 32 6.03 1.61 22.26
CA SER B 32 5.85 1.04 20.91
C SER B 32 7.09 1.40 20.11
N TRP B 33 7.14 0.97 18.82
CA TRP B 33 8.20 1.37 17.88
C TRP B 33 8.19 2.91 17.71
N ARG B 34 7.03 3.57 17.96
CA ARG B 34 6.89 5.02 17.82
C ARG B 34 7.51 5.79 18.99
N GLN B 35 7.34 5.29 20.22
CA GLN B 35 7.80 5.97 21.43
C GLN B 35 8.19 4.99 22.51
N GLU B 36 9.34 5.25 23.17
CA GLU B 36 9.82 4.40 24.27
C GLU B 36 8.82 4.44 25.45
N GLN B 37 8.21 5.62 25.68
CA GLN B 37 7.25 5.84 26.76
C GLN B 37 6.04 6.56 26.19
N ILE B 38 4.89 5.89 26.21
CA ILE B 38 3.63 6.43 25.71
C ILE B 38 3.00 7.18 26.87
N THR B 39 2.89 8.51 26.73
CA THR B 39 2.42 9.35 27.81
C THR B 39 1.02 9.87 27.63
N ARG B 40 0.42 9.76 26.42
CA ARG B 40 -0.94 10.27 26.20
C ARG B 40 -1.98 9.58 27.09
N THR B 41 -3.09 10.27 27.34
CA THR B 41 -4.17 9.70 28.15
C THR B 41 -5.14 8.93 27.22
N GLN B 42 -6.06 8.20 27.83
CA GLN B 42 -7.08 7.44 27.12
C GLN B 42 -7.96 8.37 26.24
N GLU B 43 -8.34 9.53 26.77
N GLU B 43 -8.35 9.56 26.77
CA GLU B 43 -9.11 10.51 25.99
CA GLU B 43 -9.07 10.60 26.04
C GLU B 43 -8.34 11.04 24.77
C GLU B 43 -8.32 11.01 24.77
N GLU B 44 -7.02 11.25 24.90
CA GLU B 44 -6.17 11.70 23.78
C GLU B 44 -6.05 10.61 22.72
N ALA B 45 -5.97 9.36 23.18
CA ALA B 45 -5.97 8.18 22.32
C ALA B 45 -7.29 8.09 21.53
N LEU B 46 -8.43 8.34 22.20
CA LEU B 46 -9.74 8.28 21.56
C LEU B 46 -9.89 9.37 20.50
N GLU B 47 -9.43 10.61 20.79
CA GLU B 47 -9.45 11.73 19.83
C GLU B 47 -8.64 11.34 18.61
N LEU B 48 -7.47 10.72 18.84
CA LEU B 48 -6.60 10.29 17.74
C LEU B 48 -7.30 9.25 16.88
N ILE B 49 -7.92 8.26 17.53
CA ILE B 49 -8.68 7.16 16.89
C ILE B 49 -9.84 7.74 16.05
N ASN B 50 -10.61 8.68 16.65
CA ASN B 50 -11.71 9.34 15.95
C ASN B 50 -11.25 10.11 14.72
N GLY B 51 -10.09 10.78 14.82
CA GLY B 51 -9.48 11.47 13.70
C GLY B 51 -9.13 10.52 12.57
N TYR B 52 -8.54 9.36 12.92
CA TYR B 52 -8.18 8.32 11.95
C TYR B 52 -9.43 7.72 11.28
N ILE B 53 -10.50 7.46 12.06
CA ILE B 53 -11.78 6.93 11.51
C ILE B 53 -12.32 7.94 10.47
N GLN B 54 -12.27 9.24 10.81
CA GLN B 54 -12.76 10.31 9.94
C GLN B 54 -11.99 10.33 8.61
N LYS B 55 -10.64 10.22 8.67
CA LYS B 55 -9.78 10.20 7.48
C LYS B 55 -10.11 9.00 6.58
N ILE B 56 -10.40 7.81 7.19
CA ILE B 56 -10.74 6.59 6.46
C ILE B 56 -12.13 6.72 5.83
N LYS B 57 -13.14 7.12 6.63
CA LYS B 57 -14.52 7.27 6.18
C LYS B 57 -14.66 8.24 4.99
N SER B 58 -13.90 9.34 5.02
CA SER B 58 -13.89 10.38 3.97
C SER B 58 -13.07 10.02 2.72
N GLY B 59 -12.28 8.93 2.80
CA GLY B 59 -11.42 8.51 1.71
C GLY B 59 -10.15 9.32 1.57
N GLU B 60 -9.87 10.23 2.54
CA GLU B 60 -8.65 11.05 2.60
C GLU B 60 -7.44 10.12 2.69
N GLU B 61 -7.60 9.02 3.46
CA GLU B 61 -6.55 8.04 3.74
C GLU B 61 -7.15 6.64 3.76
N ASP B 62 -6.35 5.62 3.45
CA ASP B 62 -6.88 4.27 3.54
C ASP B 62 -6.40 3.63 4.83
N PHE B 63 -7.19 2.70 5.35
CA PHE B 63 -6.94 2.02 6.62
C PHE B 63 -5.50 1.51 6.79
N GLU B 64 -4.98 0.73 5.83
CA GLU B 64 -3.67 0.11 5.86
C GLU B 64 -2.55 1.12 5.97
N SER B 65 -2.66 2.22 5.22
CA SER B 65 -1.66 3.28 5.25
C SER B 65 -1.56 3.92 6.63
N LEU B 66 -2.72 4.25 7.24
CA LEU B 66 -2.74 4.86 8.57
C LEU B 66 -2.21 3.88 9.61
N ALA B 67 -2.57 2.58 9.49
CA ALA B 67 -2.06 1.56 10.42
C ALA B 67 -0.51 1.51 10.33
N SER B 68 0.04 1.49 9.09
CA SER B 68 1.48 1.47 8.84
C SER B 68 2.20 2.65 9.52
N GLN B 69 1.62 3.85 9.42
CA GLN B 69 2.23 5.06 9.93
C GLN B 69 2.00 5.31 11.42
N PHE B 70 0.77 5.06 11.91
CA PHE B 70 0.38 5.49 13.24
C PHE B 70 0.01 4.42 14.27
N SER B 71 -0.13 3.15 13.88
CA SER B 71 -0.46 2.14 14.88
C SER B 71 0.67 1.91 15.88
N ASP B 72 0.33 1.84 17.18
CA ASP B 72 1.31 1.55 18.22
C ASP B 72 1.52 0.04 18.36
N CYS B 73 0.83 -0.78 17.55
CA CYS B 73 1.03 -2.24 17.58
C CYS B 73 2.21 -2.55 16.67
N SER B 74 3.02 -3.54 17.02
CA SER B 74 4.12 -3.96 16.15
C SER B 74 3.62 -4.48 14.77
N SER B 75 2.31 -4.85 14.64
CA SER B 75 1.71 -5.25 13.35
C SER B 75 1.67 -4.05 12.36
N ALA B 76 2.02 -2.82 12.81
CA ALA B 76 2.12 -1.64 11.94
C ALA B 76 3.05 -2.00 10.76
N LYS B 77 4.11 -2.80 11.05
CA LYS B 77 5.12 -3.23 10.07
C LYS B 77 4.51 -4.12 8.97
N ALA B 78 3.36 -4.78 9.26
CA ALA B 78 2.58 -5.61 8.33
C ALA B 78 1.28 -4.87 7.94
N ARG B 79 1.32 -3.52 7.95
CA ARG B 79 0.19 -2.66 7.58
C ARG B 79 -1.11 -2.96 8.37
N GLY B 80 -0.92 -3.32 9.64
CA GLY B 80 -1.99 -3.59 10.59
C GLY B 80 -2.49 -5.03 10.58
N ASP B 81 -1.99 -5.85 9.66
CA ASP B 81 -2.42 -7.24 9.54
C ASP B 81 -1.99 -8.12 10.74
N LEU B 82 -2.97 -8.76 11.40
CA LEU B 82 -2.71 -9.67 12.53
C LEU B 82 -2.67 -11.13 12.06
N GLY B 83 -3.18 -11.37 10.86
CA GLY B 83 -3.32 -12.73 10.37
C GLY B 83 -4.62 -13.32 10.88
N ALA B 84 -4.92 -14.58 10.50
CA ALA B 84 -6.15 -15.23 10.94
C ALA B 84 -6.03 -15.71 12.39
N PHE B 85 -7.11 -15.58 13.13
CA PHE B 85 -7.13 -16.04 14.52
C PHE B 85 -8.49 -16.64 14.90
N SER B 86 -8.43 -17.59 15.82
CA SER B 86 -9.60 -18.27 16.36
C SER B 86 -10.00 -17.67 17.70
N ARG B 87 -11.14 -18.13 18.25
CA ARG B 87 -11.59 -17.73 19.59
C ARG B 87 -10.51 -18.15 20.59
N GLY B 88 -10.28 -17.30 21.58
CA GLY B 88 -9.33 -17.51 22.67
C GLY B 88 -7.91 -17.02 22.42
N GLN B 89 -7.63 -16.49 21.21
CA GLN B 89 -6.25 -16.09 20.89
C GLN B 89 -5.98 -14.60 21.08
N MET B 90 -7.02 -13.78 21.15
CA MET B 90 -6.88 -12.34 21.32
C MET B 90 -7.65 -11.93 22.56
N GLN B 91 -7.34 -10.74 23.12
CA GLN B 91 -8.09 -10.19 24.28
C GLN B 91 -9.55 -10.22 23.94
N LYS B 92 -10.40 -10.69 24.89
CA LYS B 92 -11.84 -10.86 24.64
C LYS B 92 -12.56 -9.64 23.98
N PRO B 93 -12.44 -8.37 24.46
CA PRO B 93 -13.14 -7.26 23.77
C PRO B 93 -12.79 -7.17 22.28
N PHE B 94 -11.52 -7.42 21.94
CA PHE B 94 -11.04 -7.40 20.56
C PHE B 94 -11.66 -8.57 19.79
N GLU B 95 -11.59 -9.79 20.36
CA GLU B 95 -12.12 -11.01 19.76
C GLU B 95 -13.59 -10.83 19.43
N ASP B 96 -14.38 -10.37 20.42
CA ASP B 96 -15.81 -10.14 20.27
C ASP B 96 -16.08 -9.12 19.17
N ALA B 97 -15.34 -7.99 19.18
CA ALA B 97 -15.52 -6.96 18.16
C ALA B 97 -15.22 -7.50 16.77
N SER B 98 -14.17 -8.34 16.64
CA SER B 98 -13.73 -8.92 15.38
C SER B 98 -14.76 -9.88 14.80
N PHE B 99 -15.23 -10.83 15.63
CA PHE B 99 -16.19 -11.84 15.18
C PHE B 99 -17.57 -11.24 14.89
N ALA B 100 -17.90 -10.09 15.50
CA ALA B 100 -19.16 -9.34 15.30
C ALA B 100 -19.18 -8.51 13.99
N LEU B 101 -18.01 -8.32 13.34
CA LEU B 101 -17.92 -7.60 12.09
C LEU B 101 -18.20 -8.58 10.97
N ARG B 102 -18.88 -8.10 9.90
CA ARG B 102 -19.07 -8.88 8.68
C ARG B 102 -17.77 -8.69 7.90
N THR B 103 -17.48 -9.58 6.94
CA THR B 103 -16.23 -9.43 6.16
C THR B 103 -16.21 -8.05 5.44
N GLY B 104 -15.10 -7.32 5.54
CA GLY B 104 -14.91 -6.01 4.93
C GLY B 104 -15.40 -4.85 5.76
N GLU B 105 -16.02 -5.13 6.92
CA GLU B 105 -16.53 -4.09 7.80
C GLU B 105 -15.44 -3.57 8.74
N MET B 106 -15.51 -2.29 9.04
CA MET B 106 -14.61 -1.64 9.96
C MET B 106 -15.39 -1.23 11.23
N SER B 107 -14.78 -1.45 12.40
CA SER B 107 -15.38 -1.12 13.67
C SER B 107 -15.26 0.35 13.99
N GLY B 108 -15.98 0.75 15.03
CA GLY B 108 -15.82 2.04 15.70
C GLY B 108 -14.73 1.81 16.75
N PRO B 109 -14.51 2.74 17.71
CA PRO B 109 -13.47 2.50 18.74
C PRO B 109 -13.71 1.24 19.58
N VAL B 110 -12.68 0.39 19.68
CA VAL B 110 -12.73 -0.86 20.46
C VAL B 110 -11.71 -0.69 21.60
N PHE B 111 -12.19 -0.83 22.84
CA PHE B 111 -11.40 -0.59 24.06
C PHE B 111 -10.85 -1.88 24.66
N THR B 112 -9.51 -1.97 24.77
CA THR B 112 -8.93 -3.18 25.38
C THR B 112 -7.92 -2.73 26.44
N ASP B 113 -7.23 -3.71 27.02
CA ASP B 113 -6.15 -3.41 27.95
C ASP B 113 -4.87 -2.93 27.20
N SER B 114 -4.86 -3.03 25.86
CA SER B 114 -3.70 -2.53 25.08
C SER B 114 -3.82 -1.09 24.70
N GLY B 115 -5.06 -0.62 24.60
CA GLY B 115 -5.35 0.77 24.24
C GLY B 115 -6.69 0.84 23.54
N ILE B 116 -6.78 1.67 22.48
CA ILE B 116 -8.01 1.83 21.69
C ILE B 116 -7.68 1.43 20.26
N HIS B 117 -8.56 0.63 19.68
CA HIS B 117 -8.34 0.06 18.35
C HIS B 117 -9.43 0.44 17.37
N ILE B 118 -9.07 0.42 16.08
CA ILE B 118 -10.02 0.42 14.98
C ILE B 118 -9.73 -0.94 14.36
N ILE B 119 -10.76 -1.75 14.06
CA ILE B 119 -10.51 -3.07 13.49
C ILE B 119 -11.17 -3.12 12.10
N LEU B 120 -10.47 -3.74 11.16
CA LEU B 120 -11.00 -3.97 9.82
C LEU B 120 -11.00 -5.49 9.58
N ARG B 121 -12.19 -6.10 9.45
CA ARG B 121 -12.26 -7.53 9.21
C ARG B 121 -11.98 -7.78 7.74
N THR B 122 -10.90 -8.48 7.43
CA THR B 122 -10.54 -8.74 6.04
C THR B 122 -11.03 -10.10 5.53
N GLU B 123 -11.23 -11.08 6.43
CA GLU B 123 -11.65 -12.45 6.07
C GLU B 123 -12.51 -13.03 7.20
O3 39X C . 16.81 7.12 -15.03
C21 39X C . 16.63 5.89 -14.86
O2 39X C . 17.11 4.97 -15.59
C20 39X C . 15.72 5.48 -13.70
C12 39X C . 14.27 5.65 -14.16
C13 39X C . 13.24 5.13 -13.23
N3 39X C . 12.88 3.86 -13.12
C15 39X C . 11.94 3.83 -12.11
C19 39X C . 11.24 2.76 -11.53
C18 39X C . 10.34 3.01 -10.50
C17 39X C . 10.15 4.30 -10.08
F1 39X C . 9.31 4.53 -9.04
C16 39X C . 10.83 5.38 -10.61
C14 39X C . 11.73 5.11 -11.62
N2 39X C . 12.61 5.91 -12.34
N1 39X C . 16.00 4.11 -13.27
C1 39X C . 15.90 3.75 -11.99
O1 39X C . 15.66 4.57 -11.09
C2 39X C . 16.01 2.28 -11.67
C7 39X C . 15.48 1.84 -10.45
C6 39X C . 15.49 0.52 -10.12
C5 39X C . 16.00 -0.45 -11.00
C11 39X C . 15.96 -1.83 -10.73
C10 39X C . 16.43 -2.74 -11.63
C9 39X C . 16.97 -2.32 -12.83
C8 39X C . 17.04 -0.99 -13.14
C4 39X C . 16.55 -0.02 -12.24
C3 39X C . 16.54 1.37 -12.54
H15 39X C . 15.92 6.18 -12.89
H9 39X C . 14.19 5.17 -15.12
H10 39X C . 14.01 6.70 -14.31
H14 39X C . 11.40 1.74 -11.87
H13 39X C . 9.81 2.18 -10.04
H12 39X C . 10.64 6.40 -10.27
H11 39X C . 12.78 6.90 -12.12
H1 39X C . 16.81 3.72 -13.74
H4 39X C . 15.05 2.58 -9.76
H3 39X C . 15.11 0.17 -9.16
H8 39X C . 15.53 -2.16 -9.77
H7 39X C . 16.36 -3.80 -11.38
H6 39X C . 17.34 -3.07 -13.53
H5 39X C . 17.47 -0.66 -14.08
H2 39X C . 17.00 1.67 -13.48
C1 GOL D . 9.18 20.26 -27.92
O1 GOL D . 9.78 21.38 -28.52
C2 GOL D . 9.53 19.04 -28.72
O2 GOL D . 10.78 18.51 -28.28
C3 GOL D . 8.45 18.00 -28.58
O3 GOL D . 8.51 17.06 -29.64
O3 39X E . 2.40 -4.07 22.23
C21 39X E . 2.10 -4.54 21.11
O2 39X E . 2.76 -4.39 20.06
C20 39X E . 0.84 -5.41 21.03
C12 39X E . -0.38 -4.47 20.95
C13 39X E . -1.63 -5.20 20.70
N3 39X E . -2.04 -5.61 19.51
C15 39X E . -3.21 -6.32 19.76
C19 39X E . -4.09 -6.93 18.88
C18 39X E . -5.24 -7.54 19.38
C17 39X E . -5.46 -7.50 20.74
F1 39X E . -6.60 -8.07 21.21
C16 39X E . -4.61 -6.91 21.65
C14 39X E . -3.47 -6.31 21.13
N2 39X E . -2.44 -5.61 21.70
N1 39X E . 0.90 -6.27 19.85
C1 39X E . 0.35 -7.50 19.82
O1 39X E . -0.19 -8.00 20.80
C2 39X E . 0.34 -8.20 18.49
C7 39X E . -0.72 -9.07 18.20
C6 39X E . -0.74 -9.80 17.04
C5 39X E . 0.27 -9.63 16.06
C11 39X E . 0.23 -10.28 14.80
C10 39X E . 1.17 -10.02 13.84
C9 39X E . 2.19 -9.12 14.09
C8 39X E . 2.29 -8.48 15.30
C4 39X E . 1.33 -8.73 16.32
C3 39X E . 1.35 -8.03 17.55
H15 39X E . 0.79 -6.00 21.93
H9 39X E . -0.19 -3.74 20.17
H10 39X E . -0.56 -3.91 21.86
H14 39X E . -3.90 -6.95 17.80
H13 39X E . -5.93 -8.05 18.71
H12 39X E . -4.82 -6.91 22.71
H11 39X E . -2.30 -5.53 22.70
H1 39X E . 1.77 -6.18 19.34
H4 39X E . -1.56 -9.11 18.88
H3 39X E . -1.54 -10.51 16.84
H8 39X E . -0.58 -10.98 14.60
H7 39X E . 1.09 -10.53 12.88
H6 39X E . 2.93 -8.92 13.31
H5 39X E . 3.09 -7.78 15.49
H2 39X E . 2.16 -7.35 17.74
C1 GOL F . -1.76 -11.49 20.56
O1 GOL F . -0.95 -12.68 20.48
C2 GOL F . -2.76 -11.55 21.70
O2 GOL F . -2.09 -11.83 22.94
C3 GOL F . -3.48 -10.23 21.79
O3 GOL F . -4.34 -10.16 22.93
#